data_4FFT
#
_entry.id   4FFT
#
_cell.length_a   56.562
_cell.length_b   56.562
_cell.length_c   146.104
_cell.angle_alpha   90.00
_cell.angle_beta   90.00
_cell.angle_gamma   120.00
#
_symmetry.space_group_name_H-M   'P 31'
#
loop_
_entity.id
_entity.type
_entity.pdbx_description
1 polymer Expansin-yoaJ
2 branched beta-D-glucopyranose-(1-4)-beta-D-glucopyranose-(1-3)-beta-D-glucopyranose-(1-4)-beta-D-glucopyranose-(1-4)-beta-D-glucopyranose-(1-4)-beta-D-glucopyranose-(1-3)-beta-D-glucopyranose-(1-4)-beta-D-glucopyranose
3 non-polymer 'SULFATE ION'
4 non-polymer 'ACETIC ACID'
5 water water
#
_entity_poly.entity_id   1
_entity_poly.type   'polypeptide(L)'
_entity_poly.pdbx_seq_one_letter_code
;MAYDDLHEGYATYTGSGYSGGAFLLDPIPSDMEITAINPADLNYGGVKAALAGSYLEVEGPKGKTTVYVTDLYPEGARGA
LDLSPNAFRKIGNMKDGKINIKWRVVKAPITGNFTYRIKEGSSRWWAAIQVRNHKYPVMKMEYEKDGKWINMEKMDYNHF
VSTNLGTGSLKVRMTDIRGKVVKDTIPKLPESGTSKAYTVPGHVQFPE
;
_entity_poly.pdbx_strand_id   A,B
#
loop_
_chem_comp.id
_chem_comp.type
_chem_comp.name
_chem_comp.formula
ACY non-polymer 'ACETIC ACID' 'C2 H4 O2'
BGC D-saccharide, beta linking beta-D-glucopyranose 'C6 H12 O6'
SO4 non-polymer 'SULFATE ION' 'O4 S -2'
#
# COMPACT_ATOMS: atom_id res chain seq x y z
N ALA A 2 -18.68 27.92 0.08
CA ALA A 2 -17.59 28.43 0.92
C ALA A 2 -17.71 29.93 1.29
N TYR A 3 -17.77 30.85 0.31
CA TYR A 3 -18.23 32.20 0.67
C TYR A 3 -19.72 32.14 0.68
N ASP A 4 -20.28 31.71 -0.45
CA ASP A 4 -21.70 31.38 -0.46
C ASP A 4 -21.98 29.98 -1.00
N ASP A 5 -23.10 29.41 -0.54
CA ASP A 5 -23.39 28.01 -0.70
C ASP A 5 -24.73 27.84 -0.02
N LEU A 6 -25.46 26.79 -0.38
CA LEU A 6 -26.74 26.51 0.27
C LEU A 6 -27.19 25.08 -0.03
N HIS A 7 -27.72 24.43 1.00
CA HIS A 7 -28.27 23.10 0.86
C HIS A 7 -29.58 23.00 1.62
N GLU A 8 -30.54 22.28 1.07
CA GLU A 8 -31.75 21.95 1.84
C GLU A 8 -31.77 20.47 2.10
N GLY A 9 -32.25 20.10 3.29
CA GLY A 9 -32.38 18.69 3.62
C GLY A 9 -32.95 18.46 5.00
N TYR A 10 -32.67 17.27 5.55
CA TYR A 10 -33.14 16.93 6.87
C TYR A 10 -31.97 16.56 7.78
N ALA A 11 -32.14 16.84 9.07
CA ALA A 11 -31.18 16.38 10.06
C ALA A 11 -31.83 15.43 11.05
N THR A 12 -31.06 14.43 11.47
CA THR A 12 -31.38 13.69 12.69
C THR A 12 -30.20 13.92 13.64
N TYR A 13 -30.09 13.16 14.72
CA TYR A 13 -28.92 13.30 15.61
C TYR A 13 -28.39 11.97 16.16
N THR A 14 -27.12 11.97 16.53
CA THR A 14 -26.41 10.73 16.86
C THR A 14 -25.33 11.05 17.89
N GLY A 15 -24.88 10.03 18.61
CA GLY A 15 -23.81 10.21 19.57
C GLY A 15 -22.47 9.80 18.98
N SER A 16 -22.49 9.28 17.76
CA SER A 16 -21.26 8.77 17.16
C SER A 16 -20.43 9.91 16.59
N GLY A 17 -19.22 9.60 16.12
CA GLY A 17 -18.41 10.58 15.41
C GLY A 17 -17.39 11.34 16.22
N TYR A 18 -17.43 11.21 17.55
CA TYR A 18 -16.43 11.86 18.41
C TYR A 18 -15.15 11.05 18.41
N SER A 19 -15.32 9.75 18.32
CA SER A 19 -14.23 8.81 18.35
C SER A 19 -14.45 7.77 17.26
N GLY A 20 -13.43 7.51 16.46
CA GLY A 20 -13.53 6.42 15.49
C GLY A 20 -14.33 6.77 14.25
N GLY A 21 -14.54 8.06 14.02
CA GLY A 21 -15.23 8.52 12.82
C GLY A 21 -14.44 8.21 11.56
N ALA A 22 -15.10 8.12 10.42
CA ALA A 22 -14.44 7.68 9.20
C ALA A 22 -13.28 8.58 8.77
N PHE A 23 -13.29 9.84 9.20
CA PHE A 23 -12.33 10.80 8.68
C PHE A 23 -11.04 10.89 9.49
N LEU A 24 -10.91 10.02 10.50
CA LEU A 24 -9.70 9.93 11.29
C LEU A 24 -9.26 11.30 11.79
N LEU A 25 -10.21 12.04 12.35
CA LEU A 25 -9.97 13.38 12.84
C LEU A 25 -9.82 13.43 14.39
N ASP A 26 -9.78 12.26 15.03
CA ASP A 26 -9.59 12.18 16.49
C ASP A 26 -8.27 12.80 16.93
N PRO A 27 -8.21 13.31 18.17
CA PRO A 27 -9.29 13.37 19.15
C PRO A 27 -10.19 14.59 18.95
N ILE A 28 -11.47 14.43 19.23
CA ILE A 28 -12.46 15.49 19.13
C ILE A 28 -13.02 15.72 20.53
N PRO A 29 -13.01 16.98 21.00
CA PRO A 29 -13.49 17.19 22.37
C PRO A 29 -14.95 16.79 22.46
N SER A 30 -15.31 16.15 23.57
CA SER A 30 -16.63 15.53 23.70
C SER A 30 -17.79 16.53 23.68
N ASP A 31 -17.50 17.81 23.90
CA ASP A 31 -18.55 18.82 23.85
C ASP A 31 -18.40 19.73 22.63
N MET A 32 -17.63 19.29 21.65
CA MET A 32 -17.57 20.00 20.39
C MET A 32 -18.87 19.76 19.62
N GLU A 33 -19.31 20.75 18.86
CA GLU A 33 -20.44 20.58 17.96
C GLU A 33 -19.99 19.97 16.62
N ILE A 34 -20.51 18.77 16.34
CA ILE A 34 -20.06 18.02 15.17
C ILE A 34 -21.24 17.48 14.38
N THR A 35 -20.95 16.93 13.21
CA THR A 35 -21.96 16.28 12.39
C THR A 35 -21.37 15.17 11.54
N ALA A 36 -22.21 14.20 11.18
CA ALA A 36 -21.86 13.27 10.13
C ALA A 36 -22.57 13.76 8.86
N ILE A 37 -22.01 13.44 7.69
CA ILE A 37 -22.57 14.00 6.45
C ILE A 37 -22.84 12.92 5.41
N ASN A 38 -23.99 13.03 4.74
CA ASN A 38 -24.36 12.09 3.68
C ASN A 38 -23.27 11.97 2.62
N PRO A 39 -23.18 10.81 1.94
CA PRO A 39 -22.10 10.54 0.99
C PRO A 39 -22.08 11.45 -0.24
N ALA A 40 -23.25 11.72 -0.83
CA ALA A 40 -23.29 12.55 -2.03
C ALA A 40 -22.64 13.91 -1.81
N ASP A 41 -22.99 14.57 -0.72
CA ASP A 41 -22.40 15.88 -0.40
C ASP A 41 -20.97 15.80 0.14
N LEU A 42 -20.64 14.70 0.83
CA LEU A 42 -19.27 14.48 1.27
C LEU A 42 -18.28 14.49 0.12
N ASN A 43 -18.63 13.73 -0.92
CA ASN A 43 -17.76 13.53 -2.07
C ASN A 43 -18.00 14.56 -3.18
N TYR A 44 -18.27 15.80 -2.78
CA TYR A 44 -18.48 16.91 -3.69
C TYR A 44 -17.41 16.97 -4.77
N GLY A 45 -17.82 17.31 -5.99
CA GLY A 45 -16.91 17.43 -7.12
C GLY A 45 -16.12 16.18 -7.45
N GLY A 46 -16.62 15.02 -7.04
CA GLY A 46 -15.95 13.76 -7.31
C GLY A 46 -14.72 13.51 -6.45
N VAL A 47 -14.51 14.34 -5.44
CA VAL A 47 -13.40 14.10 -4.53
C VAL A 47 -13.89 13.37 -3.27
N LYS A 48 -13.37 12.17 -3.03
CA LYS A 48 -13.76 11.40 -1.86
C LYS A 48 -13.40 12.18 -0.60
N ALA A 49 -14.35 12.29 0.31
CA ALA A 49 -14.16 13.01 1.57
C ALA A 49 -13.78 14.48 1.34
N ALA A 50 -14.29 15.06 0.25
CA ALA A 50 -14.07 16.48 -0.04
C ALA A 50 -14.38 17.36 1.16
N LEU A 51 -15.50 17.08 1.82
CA LEU A 51 -15.99 17.92 2.91
C LEU A 51 -15.60 17.44 4.31
N ALA A 52 -14.74 16.42 4.37
CA ALA A 52 -14.24 15.93 5.66
C ALA A 52 -13.47 17.06 6.33
N GLY A 53 -13.75 17.32 7.60
CA GLY A 53 -13.04 18.37 8.32
C GLY A 53 -13.47 19.78 7.92
N SER A 54 -14.57 19.88 7.17
CA SER A 54 -15.14 21.17 6.83
C SER A 54 -16.00 21.63 8.01
N TYR A 55 -16.46 22.88 7.96
CA TYR A 55 -17.43 23.36 8.95
C TYR A 55 -18.69 23.81 8.24
N LEU A 56 -19.85 23.47 8.80
CA LEU A 56 -21.12 23.86 8.21
C LEU A 56 -21.90 24.74 9.16
N GLU A 57 -22.57 25.76 8.62
CA GLU A 57 -23.58 26.45 9.39
C GLU A 57 -24.91 25.80 9.08
N VAL A 58 -25.65 25.44 10.11
CA VAL A 58 -26.89 24.72 9.90
C VAL A 58 -28.06 25.46 10.52
N GLU A 59 -29.12 25.63 9.74
CA GLU A 59 -30.31 26.28 10.24
C GLU A 59 -31.46 25.31 10.41
N GLY A 60 -32.04 25.28 11.60
CA GLY A 60 -33.23 24.51 11.86
C GLY A 60 -34.35 25.46 12.28
N PRO A 61 -35.51 24.91 12.65
CA PRO A 61 -36.66 25.66 13.15
C PRO A 61 -36.32 26.66 14.26
N LYS A 62 -35.36 26.34 15.12
CA LYS A 62 -35.13 27.14 16.32
C LYS A 62 -33.90 28.03 16.29
N GLY A 63 -33.13 27.97 15.21
CA GLY A 63 -31.95 28.82 15.11
C GLY A 63 -30.88 28.26 14.20
N LYS A 64 -29.66 28.77 14.36
CA LYS A 64 -28.53 28.36 13.55
C LYS A 64 -27.36 28.02 14.44
N THR A 65 -26.51 27.13 13.96
CA THR A 65 -25.30 26.79 14.69
C THR A 65 -24.30 26.29 13.68
N THR A 66 -23.05 26.17 14.12
CA THR A 66 -21.97 25.76 13.26
C THR A 66 -21.39 24.42 13.73
N VAL A 67 -21.14 23.51 12.79
CA VAL A 67 -20.64 22.19 13.15
C VAL A 67 -19.45 21.74 12.32
N TYR A 68 -18.64 20.89 12.96
CA TYR A 68 -17.42 20.33 12.39
C TYR A 68 -17.75 18.96 11.84
N VAL A 69 -17.38 18.71 10.58
CA VAL A 69 -17.72 17.45 9.91
C VAL A 69 -16.68 16.36 10.20
N THR A 70 -17.05 15.39 11.03
CA THR A 70 -16.10 14.37 11.49
C THR A 70 -16.34 12.96 10.95
N ASP A 71 -17.51 12.73 10.34
CA ASP A 71 -17.91 11.36 10.04
C ASP A 71 -18.81 11.24 8.80
N LEU A 72 -18.85 10.04 8.26
CA LEU A 72 -19.77 9.69 7.18
C LEU A 72 -21.15 9.32 7.74
N TYR A 73 -22.19 9.80 7.08
CA TYR A 73 -23.57 9.44 7.36
C TYR A 73 -24.03 8.50 6.23
N PRO A 74 -23.69 7.21 6.34
CA PRO A 74 -23.75 6.25 5.23
C PRO A 74 -25.14 6.13 4.60
N GLU A 75 -26.18 6.32 5.41
CA GLU A 75 -27.55 6.16 4.92
C GLU A 75 -28.25 7.48 4.53
N GLY A 76 -27.55 8.60 4.70
CA GLY A 76 -28.18 9.88 4.45
C GLY A 76 -28.43 10.14 2.98
N ALA A 77 -29.59 10.73 2.66
CA ALA A 77 -29.86 11.17 1.30
C ALA A 77 -29.18 12.52 1.03
N ARG A 78 -29.31 13.01 -0.19
CA ARG A 78 -28.80 14.33 -0.57
C ARG A 78 -29.26 15.35 0.45
N GLY A 79 -28.35 16.21 0.89
CA GLY A 79 -28.70 17.25 1.85
C GLY A 79 -28.82 16.81 3.31
N ALA A 80 -28.77 15.50 3.58
CA ALA A 80 -28.99 15.03 4.95
C ALA A 80 -27.75 15.09 5.88
N LEU A 81 -27.97 15.48 7.13
CA LEU A 81 -26.93 15.56 8.15
C LEU A 81 -27.32 14.77 9.41
N ASP A 82 -26.33 14.29 10.13
CA ASP A 82 -26.58 13.62 11.41
C ASP A 82 -25.78 14.34 12.51
N LEU A 83 -26.44 15.29 13.18
CA LEU A 83 -25.78 16.22 14.10
C LEU A 83 -25.52 15.63 15.47
N SER A 84 -24.57 16.19 16.20
CA SER A 84 -24.42 15.80 17.60
C SER A 84 -25.59 16.41 18.36
N PRO A 85 -25.99 15.80 19.49
CA PRO A 85 -27.21 16.31 20.14
C PRO A 85 -27.07 17.73 20.69
N ASN A 86 -25.87 18.15 21.07
CA ASN A 86 -25.66 19.52 21.55
C ASN A 86 -25.87 20.54 20.43
N ALA A 87 -25.59 20.15 19.19
CA ALA A 87 -25.83 21.02 18.04
C ALA A 87 -27.30 21.01 17.64
N PHE A 88 -27.90 19.81 17.63
CA PHE A 88 -29.30 19.64 17.26
C PHE A 88 -30.16 20.47 18.20
N ARG A 89 -29.78 20.45 19.47
CA ARG A 89 -30.51 21.16 20.53
C ARG A 89 -30.67 22.65 20.23
N LYS A 90 -29.64 23.25 19.64
CA LYS A 90 -29.66 24.67 19.38
C LYS A 90 -30.57 25.05 18.22
N ILE A 91 -30.90 24.12 17.34
CA ILE A 91 -31.64 24.49 16.13
C ILE A 91 -32.95 23.75 15.98
N GLY A 92 -33.19 22.79 16.86
CA GLY A 92 -34.39 21.98 16.77
C GLY A 92 -34.87 21.44 18.10
N ASN A 93 -36.06 20.87 18.09
CA ASN A 93 -36.66 20.24 19.26
C ASN A 93 -36.17 18.80 19.36
N MET A 94 -35.46 18.49 20.44
CA MET A 94 -34.94 17.15 20.71
C MET A 94 -36.03 16.07 20.71
N LYS A 95 -37.29 16.49 20.85
CA LYS A 95 -38.39 15.54 20.92
C LYS A 95 -38.79 15.09 19.51
N ASP A 96 -38.20 15.76 18.51
CA ASP A 96 -38.33 15.30 17.13
C ASP A 96 -37.14 14.43 16.75
N GLY A 97 -37.38 13.39 15.96
CA GLY A 97 -36.30 12.51 15.52
C GLY A 97 -35.71 12.96 14.20
N LYS A 98 -36.25 14.05 13.66
CA LYS A 98 -35.89 14.52 12.32
C LYS A 98 -36.40 15.95 12.16
N ILE A 99 -35.63 16.80 11.49
CA ILE A 99 -36.06 18.18 11.25
C ILE A 99 -35.63 18.64 9.86
N ASN A 100 -36.36 19.62 9.35
CA ASN A 100 -35.95 20.34 8.14
C ASN A 100 -34.79 21.24 8.47
N ILE A 101 -33.76 21.22 7.63
CA ILE A 101 -32.65 22.14 7.81
C ILE A 101 -32.26 22.81 6.51
N LYS A 102 -31.51 23.91 6.63
CA LYS A 102 -30.73 24.46 5.54
C LYS A 102 -29.30 24.54 6.04
N TRP A 103 -28.33 24.27 5.18
CA TRP A 103 -26.94 24.40 5.59
C TRP A 103 -26.02 24.88 4.48
N ARG A 104 -24.81 25.27 4.86
CA ARG A 104 -23.82 25.75 3.91
C ARG A 104 -22.42 25.58 4.49
N VAL A 105 -21.46 25.32 3.62
CA VAL A 105 -20.06 25.33 4.02
C VAL A 105 -19.66 26.75 4.43
N VAL A 106 -19.05 26.89 5.60
CA VAL A 106 -18.58 28.20 6.05
C VAL A 106 -17.12 28.15 6.46
N LYS A 107 -16.53 29.33 6.58
CA LYS A 107 -15.17 29.45 7.08
C LYS A 107 -15.04 28.77 8.45
N ALA A 108 -14.03 27.93 8.61
CA ALA A 108 -13.71 27.34 9.89
C ALA A 108 -13.45 28.42 10.94
N PRO A 109 -14.09 28.29 12.10
CA PRO A 109 -13.81 29.21 13.23
C PRO A 109 -12.51 28.83 13.93
N ILE A 110 -11.40 28.86 13.19
CA ILE A 110 -10.12 28.45 13.73
C ILE A 110 -9.08 29.55 13.59
N THR A 111 -7.93 29.35 14.23
CA THR A 111 -6.81 30.25 14.08
C THR A 111 -5.59 29.41 13.76
N GLY A 112 -4.58 30.05 13.17
CA GLY A 112 -3.34 29.37 12.87
C GLY A 112 -3.33 28.69 11.51
N ASN A 113 -2.25 27.98 11.26
CA ASN A 113 -2.01 27.32 10.00
C ASN A 113 -2.44 25.84 9.99
N PHE A 114 -2.35 25.22 8.83
CA PHE A 114 -2.59 23.78 8.71
C PHE A 114 -1.74 22.99 9.70
N THR A 115 -2.21 21.80 9.99
CA THR A 115 -1.39 20.74 10.57
C THR A 115 -1.55 19.52 9.65
N TYR A 116 -0.45 18.81 9.41
CA TYR A 116 -0.50 17.58 8.60
C TYR A 116 -0.43 16.36 9.51
N ARG A 117 -1.11 15.30 9.12
CA ARG A 117 -0.98 14.03 9.82
C ARG A 117 -0.47 13.01 8.82
N ILE A 118 0.65 12.40 9.17
CA ILE A 118 1.28 11.41 8.31
C ILE A 118 0.89 10.04 8.84
N LYS A 119 0.09 9.32 8.06
CA LYS A 119 -0.49 8.05 8.51
C LYS A 119 0.58 7.01 8.77
N GLU A 120 0.33 6.14 9.74
CA GLU A 120 1.20 5.01 10.02
C GLU A 120 1.45 4.19 8.76
N GLY A 121 2.69 3.76 8.56
CA GLY A 121 3.03 2.95 7.42
C GLY A 121 3.46 3.79 6.24
N SER A 122 3.34 5.12 6.38
CA SER A 122 3.82 6.02 5.33
C SER A 122 5.34 5.97 5.18
N SER A 123 5.77 6.14 3.93
CA SER A 123 7.19 6.19 3.62
C SER A 123 7.34 6.84 2.25
N ARG A 124 8.56 6.86 1.73
CA ARG A 124 8.82 7.33 0.39
C ARG A 124 8.15 6.47 -0.69
N TRP A 125 7.76 5.24 -0.32
CA TRP A 125 7.18 4.31 -1.29
C TRP A 125 5.66 4.42 -1.35
N TRP A 126 5.04 4.73 -0.21
CA TRP A 126 3.61 4.94 -0.12
C TRP A 126 3.33 5.81 1.10
N ALA A 127 2.52 6.85 0.93
CA ALA A 127 2.22 7.78 2.04
C ALA A 127 0.78 8.26 1.98
N ALA A 128 0.19 8.46 3.17
CA ALA A 128 -1.15 9.01 3.28
C ALA A 128 -1.07 10.21 4.20
N ILE A 129 -1.42 11.36 3.66
CA ILE A 129 -1.22 12.62 4.37
C ILE A 129 -2.54 13.34 4.51
N GLN A 130 -2.88 13.65 5.74
CA GLN A 130 -4.14 14.33 6.01
C GLN A 130 -3.84 15.76 6.35
N VAL A 131 -4.70 16.67 5.91
CA VAL A 131 -4.60 18.05 6.32
C VAL A 131 -5.60 18.30 7.45
N ARG A 132 -5.14 18.92 8.53
CA ARG A 132 -6.03 19.34 9.62
C ARG A 132 -6.00 20.84 9.81
N ASN A 133 -6.99 21.36 10.55
CA ASN A 133 -7.08 22.78 10.87
C ASN A 133 -7.03 23.64 9.60
N HIS A 134 -7.92 23.34 8.66
CA HIS A 134 -8.01 24.11 7.41
C HIS A 134 -9.30 24.93 7.38
N LYS A 135 -9.21 26.20 6.99
CA LYS A 135 -10.38 27.10 7.01
C LYS A 135 -11.51 26.74 6.05
N TYR A 136 -11.17 26.01 5.00
CA TYR A 136 -12.15 25.62 3.99
C TYR A 136 -11.84 24.18 3.59
N PRO A 137 -12.83 23.48 3.00
CA PRO A 137 -12.59 22.09 2.56
C PRO A 137 -11.37 21.98 1.65
N VAL A 138 -10.58 20.92 1.82
CA VAL A 138 -9.40 20.72 0.97
C VAL A 138 -9.77 19.82 -0.20
N MET A 139 -9.71 20.36 -1.41
CA MET A 139 -10.21 19.64 -2.59
C MET A 139 -9.09 18.90 -3.27
N LYS A 140 -7.87 19.35 -3.04
CA LYS A 140 -6.76 18.85 -3.83
C LYS A 140 -5.44 19.04 -3.10
N MET A 141 -4.60 18.02 -3.19
CA MET A 141 -3.25 18.10 -2.65
C MET A 141 -2.27 17.55 -3.68
N GLU A 142 -1.22 18.32 -3.94
CA GLU A 142 -0.18 17.89 -4.88
C GLU A 142 1.17 18.01 -4.21
N TYR A 143 2.12 17.16 -4.62
CA TYR A 143 3.49 17.31 -4.17
C TYR A 143 4.43 17.39 -5.37
N GLU A 144 5.56 18.06 -5.18
CA GLU A 144 6.53 18.20 -6.26
C GLU A 144 7.56 17.06 -6.29
N LYS A 145 7.82 16.55 -7.49
CA LYS A 145 8.78 15.46 -7.68
C LYS A 145 9.47 15.69 -9.02
N ASP A 146 10.80 15.77 -9.00
CA ASP A 146 11.57 16.04 -10.22
C ASP A 146 11.00 17.22 -11.02
N GLY A 147 10.72 18.32 -10.33
CA GLY A 147 10.24 19.53 -10.98
C GLY A 147 8.81 19.49 -11.52
N LYS A 148 8.10 18.39 -11.27
CA LYS A 148 6.71 18.25 -11.71
C LYS A 148 5.75 18.07 -10.52
N TRP A 149 4.58 18.70 -10.61
CA TRP A 149 3.56 18.56 -9.57
C TRP A 149 2.69 17.31 -9.75
N ILE A 150 2.66 16.46 -8.72
CA ILE A 150 1.89 15.21 -8.79
C ILE A 150 0.66 15.23 -7.89
N ASN A 151 -0.49 14.94 -8.48
CA ASN A 151 -1.75 14.97 -7.76
C ASN A 151 -1.89 13.75 -6.85
N MET A 152 -2.40 13.98 -5.64
CA MET A 152 -2.62 12.88 -4.69
C MET A 152 -4.11 12.59 -4.61
N GLU A 153 -4.47 11.31 -4.63
CA GLU A 153 -5.88 10.94 -4.51
C GLU A 153 -6.37 11.12 -3.07
N LYS A 154 -7.47 11.85 -2.87
CA LYS A 154 -8.07 11.93 -1.55
C LYS A 154 -8.87 10.65 -1.32
N MET A 155 -8.58 9.97 -0.21
CA MET A 155 -9.21 8.71 0.13
C MET A 155 -10.45 8.93 0.99
N ASP A 156 -11.26 7.89 1.13
CA ASP A 156 -12.44 7.91 2.00
C ASP A 156 -12.09 8.25 3.45
N TYR A 157 -10.87 7.89 3.87
CA TYR A 157 -10.45 8.16 5.23
C TYR A 157 -9.76 9.52 5.41
N ASN A 158 -10.03 10.47 4.51
CA ASN A 158 -9.60 11.87 4.68
C ASN A 158 -8.08 12.03 4.78
N HIS A 159 -7.37 11.28 3.94
CA HIS A 159 -5.94 11.46 3.73
C HIS A 159 -5.70 11.51 2.22
N PHE A 160 -4.66 12.20 1.79
CA PHE A 160 -4.28 12.15 0.38
C PHE A 160 -3.15 11.14 0.25
N VAL A 161 -3.23 10.30 -0.79
CA VAL A 161 -2.28 9.21 -0.97
C VAL A 161 -1.49 9.31 -2.28
N SER A 162 -0.22 8.91 -2.22
CA SER A 162 0.55 8.67 -3.44
C SER A 162 1.62 7.59 -3.18
N THR A 163 2.41 7.30 -4.22
CA THR A 163 3.46 6.29 -4.12
C THR A 163 4.72 6.81 -4.77
N ASN A 164 5.87 6.24 -4.36
CA ASN A 164 7.17 6.67 -4.88
C ASN A 164 7.29 8.18 -4.93
N LEU A 165 7.13 8.81 -3.77
CA LEU A 165 7.11 10.27 -3.68
C LEU A 165 8.50 10.85 -3.81
N GLY A 166 9.51 9.98 -3.71
CA GLY A 166 10.90 10.41 -3.73
C GLY A 166 11.42 10.75 -2.34
N THR A 167 12.74 10.89 -2.24
CA THR A 167 13.42 11.19 -0.99
C THR A 167 13.51 12.69 -0.78
N GLY A 168 13.88 13.09 0.44
CA GLY A 168 14.04 14.51 0.74
C GLY A 168 12.74 15.15 1.15
N SER A 169 12.82 16.40 1.60
CA SER A 169 11.64 17.11 2.09
C SER A 169 10.61 17.30 0.96
N LEU A 170 9.35 17.36 1.34
CA LEU A 170 8.27 17.28 0.37
C LEU A 170 7.59 18.61 0.21
N LYS A 171 7.68 19.17 -0.99
CA LYS A 171 7.00 20.39 -1.32
C LYS A 171 5.59 20.02 -1.75
N VAL A 172 4.59 20.59 -1.08
CA VAL A 172 3.21 20.26 -1.36
C VAL A 172 2.43 21.52 -1.67
N ARG A 173 1.28 21.37 -2.32
CA ARG A 173 0.39 22.52 -2.48
C ARG A 173 -1.07 22.12 -2.39
N MET A 174 -1.84 22.94 -1.70
CA MET A 174 -3.19 22.57 -1.33
C MET A 174 -4.21 23.51 -1.95
N THR A 175 -5.33 22.95 -2.42
CA THR A 175 -6.36 23.77 -3.01
C THR A 175 -7.68 23.60 -2.29
N ASP A 176 -8.29 24.70 -1.90
CA ASP A 176 -9.59 24.61 -1.24
C ASP A 176 -10.77 24.55 -2.21
N ILE A 177 -11.98 24.57 -1.64
CA ILE A 177 -13.20 24.43 -2.42
C ILE A 177 -13.52 25.70 -3.23
N ARG A 178 -12.91 26.83 -2.90
CA ARG A 178 -13.07 28.05 -3.70
C ARG A 178 -12.02 28.13 -4.81
N GLY A 179 -11.15 27.14 -4.87
CA GLY A 179 -10.07 27.17 -5.83
C GLY A 179 -8.86 27.96 -5.34
N LYS A 180 -8.84 28.37 -4.07
CA LYS A 180 -7.65 29.04 -3.52
C LYS A 180 -6.52 28.02 -3.33
N VAL A 181 -5.29 28.45 -3.63
CA VAL A 181 -4.13 27.56 -3.54
C VAL A 181 -3.05 28.09 -2.60
N VAL A 182 -2.55 27.23 -1.72
CA VAL A 182 -1.38 27.56 -0.91
C VAL A 182 -0.33 26.46 -1.04
N LYS A 183 0.91 26.78 -0.73
CA LYS A 183 2.03 25.88 -0.88
C LYS A 183 2.75 25.73 0.46
N ASP A 184 3.46 24.62 0.65
CA ASP A 184 4.13 24.37 1.92
C ASP A 184 5.19 23.30 1.73
N THR A 185 5.94 23.04 2.79
CA THR A 185 6.96 21.98 2.79
C THR A 185 6.78 21.09 4.02
N ILE A 186 6.97 19.79 3.84
CA ILE A 186 6.81 18.80 4.90
C ILE A 186 8.15 18.08 5.02
N PRO A 187 8.54 17.69 6.24
CA PRO A 187 9.83 17.00 6.39
C PRO A 187 9.89 15.72 5.56
N LYS A 188 11.09 15.21 5.29
CA LYS A 188 11.23 14.01 4.48
C LYS A 188 10.53 12.82 5.13
N LEU A 189 10.07 11.89 4.29
CA LEU A 189 9.43 10.67 4.75
C LEU A 189 10.50 9.59 4.95
N PRO A 190 10.25 8.65 5.88
CA PRO A 190 11.22 7.59 6.18
C PRO A 190 11.43 6.59 5.05
N GLU A 191 12.45 5.75 5.21
CA GLU A 191 12.85 4.79 4.19
C GLU A 191 11.96 3.54 4.21
N SER A 192 11.33 3.32 5.37
CA SER A 192 10.39 2.23 5.54
C SER A 192 9.18 2.76 6.31
N GLY A 193 8.04 2.11 6.10
CA GLY A 193 6.78 2.46 6.76
C GLY A 193 6.91 2.83 8.23
N THR A 194 6.45 4.03 8.59
CA THR A 194 6.56 4.50 9.96
C THR A 194 5.68 3.67 10.89
N SER A 195 6.20 3.37 12.08
CA SER A 195 5.47 2.48 12.98
C SER A 195 4.25 3.15 13.59
N LYS A 196 4.26 4.48 13.65
CA LYS A 196 3.16 5.22 14.25
C LYS A 196 2.81 6.48 13.47
N ALA A 197 1.53 6.84 13.51
CA ALA A 197 1.10 8.04 12.85
C ALA A 197 1.62 9.21 13.64
N TYR A 198 1.88 10.31 12.95
CA TYR A 198 2.34 11.52 13.61
C TYR A 198 1.88 12.77 12.87
N THR A 199 1.83 13.88 13.60
CA THR A 199 1.46 15.17 13.05
C THR A 199 2.70 16.06 12.89
N VAL A 200 2.59 17.03 12.00
CA VAL A 200 3.69 17.93 11.69
C VAL A 200 3.06 19.29 11.50
N PRO A 201 3.60 20.31 12.16
CA PRO A 201 3.02 21.64 12.03
C PRO A 201 3.16 22.15 10.60
N GLY A 202 2.11 22.75 10.06
CA GLY A 202 2.19 23.40 8.76
C GLY A 202 2.48 24.90 8.87
N HIS A 203 2.76 25.55 7.75
CA HIS A 203 3.15 26.96 7.79
C HIS A 203 2.29 27.85 6.90
N VAL A 204 1.20 27.31 6.37
CA VAL A 204 0.26 28.09 5.58
C VAL A 204 -1.19 27.82 5.97
N GLN A 205 -2.07 28.68 5.50
CA GLN A 205 -3.51 28.54 5.73
C GLN A 205 -4.24 29.06 4.49
N PHE A 206 -5.43 28.53 4.19
CA PHE A 206 -6.25 29.13 3.15
C PHE A 206 -6.61 30.58 3.52
N PRO A 207 -6.77 31.46 2.51
CA PRO A 207 -7.12 32.84 2.79
C PRO A 207 -8.48 32.94 3.47
N GLU A 208 -8.75 34.07 4.12
CA GLU A 208 -10.03 34.32 4.77
C GLU A 208 -11.18 34.13 3.80
N ALA B 2 7.48 -27.53 -26.12
CA ALA B 2 7.47 -28.88 -25.58
C ALA B 2 7.91 -28.85 -24.13
N TYR B 3 8.36 -29.99 -23.61
CA TYR B 3 8.34 -30.18 -22.17
C TYR B 3 9.42 -29.53 -21.29
N ASP B 4 10.69 -29.61 -21.66
CA ASP B 4 11.73 -29.09 -20.77
C ASP B 4 12.99 -28.49 -21.43
N ASP B 5 12.82 -27.39 -22.16
CA ASP B 5 13.90 -26.82 -22.97
C ASP B 5 15.04 -26.18 -22.18
N LEU B 6 16.25 -26.34 -22.71
CA LEU B 6 17.41 -25.61 -22.25
C LEU B 6 17.39 -24.19 -22.83
N HIS B 7 18.10 -23.27 -22.18
CA HIS B 7 18.20 -21.89 -22.64
C HIS B 7 19.65 -21.52 -22.88
N GLU B 8 19.96 -21.08 -24.09
CA GLU B 8 21.30 -20.61 -24.40
C GLU B 8 21.53 -19.20 -23.86
N GLY B 9 22.75 -18.96 -23.40
CA GLY B 9 23.13 -17.63 -22.98
C GLY B 9 24.60 -17.55 -22.62
N TYR B 10 24.95 -16.52 -21.86
CA TYR B 10 26.30 -16.39 -21.36
C TYR B 10 26.26 -16.29 -19.84
N ALA B 11 27.28 -16.83 -19.18
CA ALA B 11 27.45 -16.61 -17.76
C ALA B 11 28.66 -15.73 -17.51
N THR B 12 28.50 -14.88 -16.51
CA THR B 12 29.58 -14.15 -15.91
C THR B 12 29.53 -14.52 -14.43
N TYR B 13 30.41 -13.93 -13.62
CA TYR B 13 30.38 -14.20 -12.18
C TYR B 13 30.43 -12.94 -11.33
N THR B 14 29.96 -13.06 -10.09
CA THR B 14 29.85 -11.94 -9.19
C THR B 14 29.75 -12.46 -7.77
N GLY B 15 30.09 -11.60 -6.82
CA GLY B 15 30.04 -11.97 -5.42
C GLY B 15 28.82 -11.36 -4.72
N SER B 16 28.04 -10.59 -5.47
CA SER B 16 26.81 -10.03 -4.92
C SER B 16 25.75 -11.14 -4.82
N GLY B 17 24.61 -10.83 -4.25
CA GLY B 17 23.53 -11.80 -4.24
C GLY B 17 23.48 -12.67 -3.00
N TYR B 18 24.60 -12.74 -2.27
CA TYR B 18 24.64 -13.45 -0.99
C TYR B 18 23.94 -12.65 0.11
N SER B 19 23.79 -11.36 -0.14
CA SER B 19 23.22 -10.44 0.83
C SER B 19 22.67 -9.25 0.07
N GLY B 20 21.46 -8.83 0.42
CA GLY B 20 20.85 -7.67 -0.22
C GLY B 20 20.26 -7.92 -1.60
N GLY B 21 20.07 -9.19 -1.97
CA GLY B 21 19.52 -9.53 -3.27
C GLY B 21 18.10 -9.00 -3.43
N ALA B 22 17.70 -8.73 -4.66
CA ALA B 22 16.39 -8.11 -4.87
C ALA B 22 15.23 -9.00 -4.44
N PHE B 23 15.48 -10.31 -4.33
CA PHE B 23 14.36 -11.19 -4.06
C PHE B 23 14.11 -11.42 -2.57
N LEU B 24 14.90 -10.74 -1.73
CA LEU B 24 14.70 -10.77 -0.29
C LEU B 24 14.71 -12.19 0.26
N LEU B 25 15.69 -12.97 -0.20
CA LEU B 25 15.80 -14.37 0.18
C LEU B 25 16.86 -14.64 1.25
N ASP B 26 17.40 -13.58 1.84
CA ASP B 26 18.44 -13.70 2.88
C ASP B 26 17.91 -14.43 4.11
N PRO B 27 18.80 -15.12 4.84
CA PRO B 27 20.25 -15.24 4.64
C PRO B 27 20.64 -16.31 3.61
N ILE B 28 21.62 -15.98 2.78
CA ILE B 28 22.18 -16.98 1.87
C ILE B 28 23.52 -17.47 2.41
N PRO B 29 23.62 -18.78 2.70
CA PRO B 29 24.89 -19.31 3.19
C PRO B 29 25.96 -19.17 2.12
N SER B 30 27.18 -18.87 2.55
CA SER B 30 28.26 -18.61 1.62
C SER B 30 28.66 -19.80 0.77
N ASP B 31 28.37 -21.01 1.22
CA ASP B 31 28.72 -22.20 0.43
C ASP B 31 27.70 -22.51 -0.67
N MET B 32 26.57 -21.80 -0.66
CA MET B 32 25.54 -21.95 -1.68
C MET B 32 26.01 -21.50 -3.06
N GLU B 33 25.66 -22.28 -4.06
CA GLU B 33 25.84 -21.88 -5.44
C GLU B 33 24.61 -21.06 -5.85
N ILE B 34 24.83 -19.82 -6.26
CA ILE B 34 23.70 -18.94 -6.55
C ILE B 34 23.90 -18.21 -7.86
N THR B 35 22.87 -17.49 -8.29
CA THR B 35 23.00 -16.66 -9.48
C THR B 35 22.04 -15.48 -9.46
N ALA B 36 22.41 -14.44 -10.21
CA ALA B 36 21.47 -13.39 -10.58
C ALA B 36 20.95 -13.73 -11.96
N ILE B 37 19.75 -13.27 -12.28
CA ILE B 37 19.15 -13.63 -13.56
C ILE B 37 18.65 -12.38 -14.31
N ASN B 38 18.85 -12.36 -15.62
CA ASN B 38 18.45 -11.22 -16.45
C ASN B 38 16.93 -11.00 -16.35
N PRO B 39 16.47 -9.74 -16.52
CA PRO B 39 15.06 -9.41 -16.33
C PRO B 39 14.08 -10.15 -17.26
N ALA B 40 14.42 -10.25 -18.54
CA ALA B 40 13.51 -10.89 -19.49
C ALA B 40 13.18 -12.32 -19.08
N ASP B 41 14.20 -13.10 -18.73
CA ASP B 41 13.99 -14.48 -18.26
C ASP B 41 13.38 -14.56 -16.87
N LEU B 42 13.79 -13.66 -15.98
CA LEU B 42 13.26 -13.59 -14.62
C LEU B 42 11.75 -13.46 -14.65
N ASN B 43 11.25 -12.59 -15.52
CA ASN B 43 9.84 -12.26 -15.59
C ASN B 43 9.04 -13.08 -16.62
N TYR B 44 9.31 -14.39 -16.65
CA TYR B 44 8.60 -15.31 -17.54
C TYR B 44 7.09 -15.19 -17.40
N GLY B 45 6.40 -15.14 -18.55
CA GLY B 45 4.95 -15.13 -18.57
C GLY B 45 4.32 -13.82 -18.15
N GLY B 46 5.13 -12.77 -18.09
CA GLY B 46 4.62 -11.47 -17.68
C GLY B 46 4.46 -11.40 -16.16
N VAL B 47 4.99 -12.39 -15.47
CA VAL B 47 4.94 -12.41 -14.02
C VAL B 47 6.27 -11.91 -13.42
N LYS B 48 6.21 -10.76 -12.75
CA LYS B 48 7.40 -10.19 -12.09
C LYS B 48 7.99 -11.17 -11.08
N ALA B 49 9.29 -11.37 -11.16
CA ALA B 49 10.02 -12.27 -10.27
C ALA B 49 9.53 -13.72 -10.34
N ALA B 50 9.00 -14.09 -11.50
CA ALA B 50 8.52 -15.45 -11.74
C ALA B 50 9.56 -16.49 -11.36
N LEU B 51 10.83 -16.24 -11.70
CA LEU B 51 11.89 -17.21 -11.44
C LEU B 51 12.68 -16.97 -10.15
N ALA B 52 12.24 -16.02 -9.33
CA ALA B 52 12.90 -15.77 -8.07
C ALA B 52 12.79 -17.02 -7.18
N GLY B 53 13.92 -17.49 -6.66
CA GLY B 53 13.92 -18.65 -5.79
C GLY B 53 13.86 -19.97 -6.55
N SER B 54 14.03 -19.91 -7.87
CA SER B 54 14.06 -21.14 -8.64
C SER B 54 15.47 -21.70 -8.54
N TYR B 55 15.65 -22.93 -8.99
CA TYR B 55 16.97 -23.48 -9.13
C TYR B 55 17.20 -23.74 -10.62
N LEU B 56 18.43 -23.55 -11.05
CA LEU B 56 18.79 -23.76 -12.45
C LEU B 56 19.91 -24.77 -12.54
N GLU B 57 19.77 -25.77 -13.41
CA GLU B 57 20.93 -26.54 -13.84
C GLU B 57 21.62 -25.76 -14.95
N VAL B 58 22.91 -25.50 -14.79
CA VAL B 58 23.64 -24.66 -15.71
C VAL B 58 24.81 -25.43 -16.29
N GLU B 59 24.84 -25.58 -17.60
CA GLU B 59 25.91 -26.34 -18.24
C GLU B 59 26.89 -25.39 -18.92
N GLY B 60 28.17 -25.56 -18.62
CA GLY B 60 29.21 -24.77 -19.25
C GLY B 60 30.19 -25.71 -19.91
N PRO B 61 31.30 -25.16 -20.46
CA PRO B 61 32.27 -25.97 -21.19
C PRO B 61 32.96 -27.04 -20.35
N LYS B 62 32.94 -26.89 -19.02
CA LYS B 62 33.69 -27.81 -18.16
C LYS B 62 32.80 -28.75 -17.35
N GLY B 63 31.50 -28.55 -17.43
CA GLY B 63 30.59 -29.40 -16.68
C GLY B 63 29.30 -28.69 -16.36
N LYS B 64 28.53 -29.29 -15.46
CA LYS B 64 27.22 -28.82 -15.08
C LYS B 64 27.17 -28.58 -13.59
N THR B 65 26.35 -27.63 -13.17
CA THR B 65 26.07 -27.43 -11.76
C THR B 65 24.69 -26.79 -11.59
N THR B 66 24.20 -26.80 -10.37
CA THR B 66 22.88 -26.26 -10.06
C THR B 66 22.99 -25.04 -9.15
N VAL B 67 22.26 -23.98 -9.46
CA VAL B 67 22.34 -22.73 -8.71
C VAL B 67 20.97 -22.21 -8.26
N TYR B 68 20.96 -21.49 -7.15
CA TYR B 68 19.76 -20.92 -6.56
C TYR B 68 19.63 -19.47 -7.00
N VAL B 69 18.46 -19.09 -7.51
CA VAL B 69 18.28 -17.76 -8.09
C VAL B 69 17.87 -16.75 -7.04
N THR B 70 18.82 -15.91 -6.61
CA THR B 70 18.59 -15.00 -5.49
C THR B 70 18.48 -13.51 -5.83
N ASP B 71 18.74 -13.14 -7.08
CA ASP B 71 18.86 -11.71 -7.41
C ASP B 71 18.64 -11.41 -8.89
N LEU B 72 18.39 -10.14 -9.16
CA LEU B 72 18.21 -9.62 -10.50
C LEU B 72 19.57 -9.26 -11.07
N TYR B 73 19.72 -9.51 -12.36
CA TYR B 73 20.88 -9.12 -13.14
C TYR B 73 20.43 -8.03 -14.10
N PRO B 74 20.40 -6.78 -13.62
CA PRO B 74 19.74 -5.63 -14.27
C PRO B 74 20.12 -5.43 -15.72
N GLU B 75 21.40 -5.53 -16.03
CA GLU B 75 21.91 -5.24 -17.35
C GLU B 75 22.10 -6.52 -18.17
N GLY B 76 21.66 -7.65 -17.62
CA GLY B 76 21.81 -8.92 -18.29
C GLY B 76 20.98 -9.06 -19.55
N ALA B 77 21.58 -9.61 -20.59
CA ALA B 77 20.84 -9.89 -21.82
C ALA B 77 19.94 -11.11 -21.63
N ARG B 78 19.06 -11.34 -22.58
CA ARG B 78 18.26 -12.56 -22.56
C ARG B 78 19.18 -13.78 -22.55
N GLY B 79 18.86 -14.73 -21.67
CA GLY B 79 19.68 -15.92 -21.52
C GLY B 79 20.84 -15.80 -20.53
N ALA B 80 21.21 -14.59 -20.15
CA ALA B 80 22.40 -14.37 -19.32
C ALA B 80 22.21 -14.61 -17.81
N LEU B 81 23.22 -15.21 -17.19
CA LEU B 81 23.27 -15.44 -15.76
C LEU B 81 24.55 -14.85 -15.16
N ASP B 82 24.46 -14.34 -13.92
CA ASP B 82 25.63 -13.87 -13.18
C ASP B 82 25.79 -14.78 -11.96
N LEU B 83 26.62 -15.81 -12.09
CA LEU B 83 26.78 -16.83 -11.05
C LEU B 83 27.71 -16.40 -9.95
N SER B 84 27.58 -17.05 -8.79
CA SER B 84 28.61 -16.97 -7.77
C SER B 84 29.83 -17.74 -8.28
N PRO B 85 31.03 -17.30 -7.89
CA PRO B 85 32.28 -17.87 -8.45
C PRO B 85 32.47 -19.34 -8.09
N ASN B 86 31.95 -19.77 -6.95
CA ASN B 86 32.06 -21.17 -6.55
C ASN B 86 31.24 -22.08 -7.48
N ALA B 87 30.19 -21.53 -8.06
CA ALA B 87 29.41 -22.21 -9.07
C ALA B 87 30.12 -22.12 -10.43
N PHE B 88 30.55 -20.93 -10.80
CA PHE B 88 31.15 -20.67 -12.11
C PHE B 88 32.37 -21.55 -12.37
N ARG B 89 33.24 -21.65 -11.37
CA ARG B 89 34.47 -22.41 -11.50
C ARG B 89 34.20 -23.87 -11.83
N LYS B 90 33.03 -24.36 -11.47
CA LYS B 90 32.72 -25.76 -11.72
C LYS B 90 32.37 -25.99 -13.20
N ILE B 91 32.08 -24.93 -13.94
CA ILE B 91 31.61 -25.10 -15.32
C ILE B 91 32.43 -24.35 -16.39
N GLY B 92 33.33 -23.48 -15.93
CA GLY B 92 34.18 -22.73 -16.85
C GLY B 92 35.43 -22.20 -16.18
N ASN B 93 36.40 -21.77 -16.98
CA ASN B 93 37.61 -21.18 -16.46
CA ASN B 93 37.62 -21.17 -16.47
C ASN B 93 37.38 -19.70 -16.16
N MET B 94 37.65 -19.29 -14.93
CA MET B 94 37.38 -17.90 -14.56
C MET B 94 38.30 -16.87 -15.20
N LYS B 95 39.35 -17.33 -15.83
CA LYS B 95 40.18 -16.43 -16.63
C LYS B 95 39.42 -15.97 -17.88
N ASP B 96 38.50 -16.78 -18.35
CA ASP B 96 37.76 -16.45 -19.57
C ASP B 96 36.72 -15.34 -19.36
N GLY B 97 36.27 -15.16 -18.12
CA GLY B 97 35.41 -14.03 -17.77
C GLY B 97 33.95 -14.15 -18.19
N LYS B 98 33.71 -14.60 -19.41
CA LYS B 98 32.35 -14.87 -19.89
C LYS B 98 32.33 -16.20 -20.63
N ILE B 99 31.36 -17.06 -20.30
CA ILE B 99 31.27 -18.39 -20.94
C ILE B 99 29.92 -18.69 -21.61
N ASN B 100 29.95 -19.51 -22.65
CA ASN B 100 28.72 -20.02 -23.24
C ASN B 100 28.05 -21.04 -22.32
N ILE B 101 26.75 -20.89 -22.10
CA ILE B 101 26.02 -21.82 -21.26
C ILE B 101 24.68 -22.22 -21.86
N LYS B 102 24.15 -23.34 -21.36
CA LYS B 102 22.77 -23.74 -21.52
C LYS B 102 22.20 -24.01 -20.13
N TRP B 103 21.04 -23.43 -19.85
CA TRP B 103 20.45 -23.61 -18.53
C TRP B 103 18.97 -23.90 -18.61
N ARG B 104 18.42 -24.43 -17.51
CA ARG B 104 17.00 -24.64 -17.37
C ARG B 104 16.60 -24.73 -15.90
N VAL B 105 15.35 -24.40 -15.64
CA VAL B 105 14.78 -24.57 -14.32
C VAL B 105 14.72 -26.07 -14.02
N VAL B 106 15.10 -26.44 -12.81
CA VAL B 106 15.00 -27.82 -12.33
C VAL B 106 14.30 -27.85 -10.97
N LYS B 107 13.73 -28.99 -10.64
CA LYS B 107 13.17 -29.20 -9.31
C LYS B 107 14.21 -28.83 -8.25
N ALA B 108 13.78 -28.04 -7.27
CA ALA B 108 14.67 -27.61 -6.19
C ALA B 108 15.23 -28.80 -5.43
N PRO B 109 16.53 -28.77 -5.09
CA PRO B 109 17.11 -29.84 -4.27
C PRO B 109 16.83 -29.60 -2.79
N ILE B 110 15.55 -29.58 -2.42
CA ILE B 110 15.14 -29.23 -1.06
C ILE B 110 14.25 -30.30 -0.44
N THR B 111 13.89 -30.11 0.83
CA THR B 111 12.95 -31.00 1.52
C THR B 111 11.96 -30.15 2.28
N GLY B 112 10.85 -30.76 2.72
CA GLY B 112 9.88 -30.08 3.55
C GLY B 112 8.92 -29.18 2.80
N ASN B 113 8.25 -28.30 3.53
CA ASN B 113 7.18 -27.49 2.96
C ASN B 113 7.64 -26.09 2.62
N PHE B 114 6.76 -25.33 1.97
CA PHE B 114 6.98 -23.89 1.82
C PHE B 114 7.22 -23.28 3.19
N THR B 115 7.89 -22.15 3.21
CA THR B 115 7.90 -21.26 4.37
C THR B 115 7.43 -19.92 3.83
N TYR B 116 6.53 -19.26 4.55
CA TYR B 116 6.07 -17.95 4.10
C TYR B 116 6.74 -16.84 4.88
N ARG B 117 6.99 -15.72 4.21
CA ARG B 117 7.46 -14.52 4.87
C ARG B 117 6.46 -13.40 4.64
N ILE B 118 5.99 -12.81 5.73
CA ILE B 118 4.98 -11.77 5.67
C ILE B 118 5.71 -10.46 5.92
N LYS B 119 5.71 -9.59 4.90
CA LYS B 119 6.56 -8.41 4.90
C LYS B 119 6.10 -7.39 5.94
N GLU B 120 7.07 -6.70 6.54
CA GLU B 120 6.78 -5.53 7.34
C GLU B 120 5.76 -4.62 6.64
N GLY B 121 4.85 -4.05 7.41
CA GLY B 121 3.82 -3.21 6.83
C GLY B 121 2.54 -4.00 6.61
N SER B 122 2.64 -5.32 6.59
CA SER B 122 1.49 -6.15 6.24
C SER B 122 0.37 -6.13 7.29
N SER B 123 -0.85 -6.21 6.79
CA SER B 123 -2.06 -6.22 7.60
C SER B 123 -3.20 -6.73 6.74
N ARG B 124 -4.41 -6.74 7.30
CA ARG B 124 -5.60 -7.07 6.55
C ARG B 124 -5.81 -6.07 5.40
N TRP B 125 -5.33 -4.84 5.58
CA TRP B 125 -5.53 -3.76 4.59
C TRP B 125 -4.63 -3.87 3.36
N TRP B 126 -3.38 -4.25 3.60
CA TRP B 126 -2.41 -4.47 2.53
C TRP B 126 -1.43 -5.46 3.09
N ALA B 127 -1.05 -6.47 2.29
CA ALA B 127 -0.05 -7.43 2.71
C ALA B 127 0.85 -7.86 1.56
N ALA B 128 2.08 -8.24 1.87
CA ALA B 128 3.01 -8.76 0.88
C ALA B 128 3.52 -10.07 1.43
N ILE B 129 3.26 -11.15 0.70
CA ILE B 129 3.58 -12.49 1.18
C ILE B 129 4.52 -13.19 0.23
N GLN B 130 5.67 -13.61 0.75
CA GLN B 130 6.67 -14.32 -0.04
C GLN B 130 6.60 -15.81 0.24
N VAL B 131 6.85 -16.62 -0.79
CA VAL B 131 7.00 -18.05 -0.62
C VAL B 131 8.47 -18.42 -0.74
N ARG B 132 8.99 -19.13 0.27
CA ARG B 132 10.33 -19.69 0.22
C ARG B 132 10.28 -21.20 0.27
N ASN B 133 11.43 -21.82 0.01
CA ASN B 133 11.56 -23.28 0.03
C ASN B 133 10.50 -23.92 -0.86
N HIS B 134 10.43 -23.47 -2.12
CA HIS B 134 9.47 -24.04 -3.05
C HIS B 134 10.17 -24.82 -4.15
N LYS B 135 9.64 -25.99 -4.50
CA LYS B 135 10.34 -26.92 -5.39
C LYS B 135 10.41 -26.49 -6.85
N TYR B 136 9.48 -25.63 -7.24
CA TYR B 136 9.41 -25.08 -8.60
C TYR B 136 9.01 -23.60 -8.48
N PRO B 137 9.27 -22.81 -9.53
CA PRO B 137 8.91 -21.40 -9.52
C PRO B 137 7.45 -21.20 -9.14
N VAL B 138 7.16 -20.17 -8.37
CA VAL B 138 5.77 -19.92 -8.00
C VAL B 138 5.21 -18.88 -8.93
N MET B 139 4.40 -19.31 -9.89
CA MET B 139 3.87 -18.43 -10.92
C MET B 139 2.64 -17.68 -10.45
N LYS B 140 1.96 -18.20 -9.42
CA LYS B 140 0.69 -17.62 -9.04
C LYS B 140 0.40 -17.86 -7.58
N MET B 141 -0.23 -16.88 -6.95
CA MET B 141 -0.71 -17.03 -5.59
C MET B 141 -2.07 -16.34 -5.45
N GLU B 142 -3.02 -17.00 -4.80
CA GLU B 142 -4.35 -16.46 -4.60
C GLU B 142 -4.76 -16.63 -3.14
N TYR B 143 -5.70 -15.81 -2.70
CA TYR B 143 -6.32 -16.03 -1.39
C TYR B 143 -7.84 -16.02 -1.53
N GLU B 144 -8.52 -16.63 -0.58
CA GLU B 144 -9.96 -16.69 -0.65
C GLU B 144 -10.56 -15.63 0.23
N LYS B 145 -11.65 -15.03 -0.23
CA LYS B 145 -12.39 -14.08 0.57
C LYS B 145 -13.85 -14.14 0.18
N ASP B 146 -14.70 -14.40 1.16
CA ASP B 146 -16.14 -14.53 0.93
C ASP B 146 -16.44 -15.47 -0.24
N GLY B 147 -15.77 -16.62 -0.22
CA GLY B 147 -16.02 -17.69 -1.16
C GLY B 147 -15.46 -17.44 -2.56
N LYS B 148 -14.66 -16.41 -2.71
CA LYS B 148 -14.05 -16.14 -4.00
C LYS B 148 -12.53 -16.06 -3.91
N TRP B 149 -11.86 -16.57 -4.95
CA TRP B 149 -10.43 -16.59 -4.97
C TRP B 149 -9.87 -15.36 -5.66
N ILE B 150 -8.99 -14.64 -4.97
CA ILE B 150 -8.50 -13.37 -5.45
C ILE B 150 -7.02 -13.48 -5.79
N ASN B 151 -6.67 -13.09 -7.02
CA ASN B 151 -5.30 -13.17 -7.47
C ASN B 151 -4.39 -12.14 -6.80
N MET B 152 -3.15 -12.53 -6.54
CA MET B 152 -2.17 -11.65 -5.90
C MET B 152 -1.07 -11.33 -6.89
N GLU B 153 -0.85 -10.04 -7.13
CA GLU B 153 0.19 -9.65 -8.07
C GLU B 153 1.55 -9.96 -7.48
N LYS B 154 2.40 -10.65 -8.24
CA LYS B 154 3.78 -10.84 -7.80
C LYS B 154 4.62 -9.59 -8.08
N MET B 155 5.40 -9.18 -7.07
CA MET B 155 6.27 -8.00 -7.18
C MET B 155 7.70 -8.35 -7.54
N ASP B 156 8.41 -7.36 -8.06
CA ASP B 156 9.84 -7.45 -8.32
C ASP B 156 10.63 -7.93 -7.11
N TYR B 157 10.13 -7.65 -5.92
CA TYR B 157 10.83 -8.06 -4.70
C TYR B 157 10.33 -9.42 -4.15
N ASN B 158 9.80 -10.24 -5.06
CA ASN B 158 9.53 -11.64 -4.74
C ASN B 158 8.55 -11.86 -3.57
N HIS B 159 7.51 -11.02 -3.53
CA HIS B 159 6.37 -11.23 -2.65
C HIS B 159 5.10 -11.07 -3.50
N PHE B 160 4.00 -11.68 -3.06
CA PHE B 160 2.70 -11.52 -3.70
C PHE B 160 1.89 -10.51 -2.89
N VAL B 161 1.22 -9.57 -3.55
CA VAL B 161 0.59 -8.47 -2.86
C VAL B 161 -0.91 -8.35 -3.15
N SER B 162 -1.67 -7.96 -2.14
CA SER B 162 -3.06 -7.61 -2.32
C SER B 162 -3.50 -6.59 -1.28
N THR B 163 -4.77 -6.20 -1.35
CA THR B 163 -5.35 -5.27 -0.40
C THR B 163 -6.68 -5.79 0.09
N ASN B 164 -7.10 -5.35 1.28
CA ASN B 164 -8.39 -5.73 1.85
C ASN B 164 -8.65 -7.22 1.78
N LEU B 165 -7.71 -7.98 2.33
CA LEU B 165 -7.74 -9.43 2.27
C LEU B 165 -8.80 -10.02 3.20
N GLY B 166 -9.28 -9.21 4.13
CA GLY B 166 -10.28 -9.66 5.07
C GLY B 166 -9.66 -10.12 6.38
N THR B 167 -10.51 -10.53 7.31
CA THR B 167 -10.08 -10.91 8.66
C THR B 167 -9.97 -12.42 8.76
N GLY B 168 -9.48 -12.91 9.90
CA GLY B 168 -9.39 -14.34 10.15
C GLY B 168 -8.25 -14.98 9.37
N SER B 169 -8.09 -16.30 9.55
CA SER B 169 -7.08 -17.06 8.82
C SER B 169 -7.21 -16.88 7.32
N LEU B 170 -6.07 -16.96 6.63
CA LEU B 170 -6.06 -16.71 5.21
C LEU B 170 -5.83 -18.00 4.42
N LYS B 171 -6.85 -18.45 3.71
CA LYS B 171 -6.68 -19.61 2.85
C LYS B 171 -6.01 -19.15 1.56
N VAL B 172 -4.87 -19.76 1.26
CA VAL B 172 -4.12 -19.41 0.06
C VAL B 172 -3.92 -20.61 -0.86
N ARG B 173 -3.63 -20.35 -2.12
CA ARG B 173 -3.28 -21.42 -3.05
C ARG B 173 -2.25 -20.92 -4.05
N MET B 174 -1.29 -21.79 -4.34
CA MET B 174 -0.11 -21.40 -5.09
C MET B 174 -0.03 -22.29 -6.32
N THR B 175 0.42 -21.74 -7.44
CA THR B 175 0.52 -22.53 -8.67
C THR B 175 1.95 -22.47 -9.15
N ASP B 176 2.49 -23.58 -9.63
CA ASP B 176 3.89 -23.59 -10.07
C ASP B 176 4.03 -23.44 -11.57
N ILE B 177 5.26 -23.57 -12.06
CA ILE B 177 5.52 -23.32 -13.48
C ILE B 177 4.90 -24.42 -14.35
N ARG B 178 4.66 -25.59 -13.74
CA ARG B 178 4.04 -26.71 -14.42
C ARG B 178 2.52 -26.60 -14.37
N GLY B 179 2.02 -25.60 -13.66
CA GLY B 179 0.59 -25.47 -13.46
C GLY B 179 0.02 -26.31 -12.32
N LYS B 180 0.86 -26.90 -11.48
CA LYS B 180 0.35 -27.65 -10.33
C LYS B 180 -0.13 -26.69 -9.25
N VAL B 181 -1.31 -26.95 -8.70
CA VAL B 181 -1.87 -26.07 -7.68
C VAL B 181 -1.86 -26.75 -6.32
N VAL B 182 -1.37 -26.07 -5.29
CA VAL B 182 -1.50 -26.55 -3.92
C VAL B 182 -2.08 -25.46 -3.01
N LYS B 183 -2.61 -25.89 -1.88
CA LYS B 183 -3.46 -25.06 -1.04
C LYS B 183 -2.90 -25.08 0.38
N ASP B 184 -3.00 -23.97 1.09
CA ASP B 184 -2.49 -23.91 2.47
C ASP B 184 -3.29 -22.89 3.27
N THR B 185 -3.03 -22.81 4.56
CA THR B 185 -3.62 -21.74 5.39
C THR B 185 -2.53 -20.97 6.16
N ILE B 186 -2.70 -19.65 6.23
CA ILE B 186 -1.77 -18.78 6.95
C ILE B 186 -2.56 -18.10 8.07
N PRO B 187 -1.95 -17.96 9.26
CA PRO B 187 -2.67 -17.36 10.41
C PRO B 187 -3.04 -15.89 10.15
N LYS B 188 -4.12 -15.42 10.78
CA LYS B 188 -4.65 -14.07 10.54
C LYS B 188 -3.56 -12.98 10.54
N LEU B 189 -3.71 -12.03 9.63
CA LEU B 189 -2.71 -10.96 9.52
C LEU B 189 -2.87 -9.99 10.68
N PRO B 190 -1.81 -9.24 11.00
CA PRO B 190 -1.90 -8.28 12.11
C PRO B 190 -2.99 -7.23 11.91
N GLU B 191 -3.51 -6.74 13.03
CA GLU B 191 -4.43 -5.61 13.09
C GLU B 191 -3.92 -4.45 12.25
N SER B 192 -2.64 -4.13 12.42
CA SER B 192 -1.98 -3.08 11.67
C SER B 192 -0.56 -3.53 11.39
N GLY B 193 0.12 -2.80 10.52
CA GLY B 193 1.43 -3.18 10.04
C GLY B 193 2.48 -3.63 11.05
N THR B 194 2.96 -4.85 10.90
CA THR B 194 4.07 -5.33 11.71
C THR B 194 5.31 -4.52 11.44
N SER B 195 6.01 -4.16 12.50
CA SER B 195 7.27 -3.44 12.41
C SER B 195 8.31 -4.29 11.71
N LYS B 196 8.18 -5.60 11.84
CA LYS B 196 9.16 -6.53 11.30
C LYS B 196 8.50 -7.54 10.40
N ALA B 197 9.24 -7.99 9.40
CA ALA B 197 8.81 -9.14 8.63
C ALA B 197 8.79 -10.34 9.58
N TYR B 198 7.95 -11.32 9.28
CA TYR B 198 7.89 -12.53 10.10
C TYR B 198 7.65 -13.78 9.26
N THR B 199 7.97 -14.90 9.86
CA THR B 199 8.06 -16.19 9.20
C THR B 199 6.87 -17.04 9.60
N VAL B 200 6.27 -17.71 8.61
CA VAL B 200 5.25 -18.70 8.89
C VAL B 200 5.61 -19.99 8.17
N PRO B 201 6.03 -21.01 8.94
CA PRO B 201 6.33 -22.30 8.32
C PRO B 201 5.06 -22.87 7.71
N GLY B 202 5.14 -23.33 6.47
CA GLY B 202 3.93 -23.74 5.76
C GLY B 202 3.65 -25.22 5.88
N HIS B 203 2.54 -25.67 5.29
CA HIS B 203 2.14 -27.06 5.41
C HIS B 203 1.85 -27.77 4.08
N VAL B 204 2.41 -27.24 3.00
CA VAL B 204 2.36 -27.92 1.69
C VAL B 204 3.61 -27.67 0.86
N GLN B 205 3.73 -28.46 -0.20
CA GLN B 205 4.84 -28.37 -1.14
C GLN B 205 4.27 -28.68 -2.51
N PHE B 206 4.89 -28.13 -3.55
CA PHE B 206 4.53 -28.55 -4.89
C PHE B 206 4.83 -30.04 -5.04
N PRO B 207 4.00 -30.76 -5.81
CA PRO B 207 4.27 -32.19 -6.08
C PRO B 207 5.61 -32.38 -6.75
N GLU B 208 6.21 -33.57 -6.63
CA GLU B 208 7.47 -33.87 -7.29
C GLU B 208 7.44 -33.53 -8.78
C2 BGC C . -13.92 0.54 5.87
C3 BGC C . -12.58 1.27 5.89
C4 BGC C . -11.57 0.64 4.92
C5 BGC C . -12.21 0.30 3.59
C6 BGC C . -11.27 -0.59 2.77
C1 BGC C . -14.41 0.37 4.44
O1 BGC C . -15.65 -0.33 4.44
O2 BGC C . -14.87 1.25 6.62
O3 BGC C . -12.14 1.25 7.23
O4 BGC C . -10.48 1.51 4.63
O5 BGC C . -13.45 -0.38 3.74
O6 BGC C . -11.62 -0.53 1.40
C2 BGC C . -8.06 1.75 5.04
C3 BGC C . -6.95 1.88 6.09
C4 BGC C . -7.42 2.72 7.27
C5 BGC C . -8.84 2.40 7.72
C6 BGC C . -9.31 3.38 8.78
C1 BGC C . -9.45 1.51 5.66
O2 BGC C . -7.75 0.70 4.13
O3 BGC C . -5.86 2.62 5.60
O4 BGC C . -6.54 2.55 8.37
O5 BGC C . -9.72 2.49 6.63
O6 BGC C . -10.71 3.32 8.78
C2 BGC C . -3.80 1.22 5.52
C3 BGC C . -2.61 1.16 4.56
C4 BGC C . -2.99 0.46 3.26
C5 BGC C . -4.43 0.77 2.76
C6 BGC C . -5.06 -0.43 2.02
C1 BGC C . -4.87 1.97 4.75
O2 BGC C . -3.45 1.93 6.68
O3 BGC C . -1.49 0.53 5.16
O4 BGC C . -2.09 0.79 2.21
O5 BGC C . -5.36 1.10 3.76
O6 BGC C . -4.49 -0.70 0.76
C2 BGC C . 0.04 0.66 1.02
C3 BGC C . 1.37 -0.08 0.91
C4 BGC C . 2.21 0.20 2.16
C5 BGC C . 1.36 -0.20 3.36
C6 BGC C . 2.08 0.07 4.67
C1 BGC C . -0.74 0.21 2.25
O2 BGC C . -0.73 0.50 -0.15
O3 BGC C . 2.02 0.31 -0.28
O4 BGC C . 3.42 -0.53 2.23
O5 BGC C . 0.07 0.43 3.41
O6 BGC C . 3.33 -0.60 4.64
C2 BGC C . 5.74 -1.13 1.78
C3 BGC C . 6.97 -1.01 0.86
C4 BGC C . 6.60 -1.05 -0.64
C5 BGC C . 5.39 -0.13 -0.84
C6 BGC C . 4.88 -0.12 -2.28
C1 BGC C . 4.56 -0.23 1.36
O2 BGC C . 6.15 -0.88 3.11
O3 BGC C . 7.93 -2.00 1.23
O4 BGC C . 7.64 -0.61 -1.51
O5 BGC C . 4.31 -0.48 0.00
O6 BGC C . 3.78 0.76 -2.35
C2 BGC C . 9.68 -1.15 -2.79
C3 BGC C . 10.72 -2.27 -2.89
C4 BGC C . 11.54 -2.38 -1.60
C5 BGC C . 10.64 -2.39 -0.38
C6 BGC C . 11.46 -2.37 0.91
C1 BGC C . 8.84 -1.42 -1.55
O2 BGC C . 8.83 -1.13 -3.93
O3 BGC C . 11.55 -2.21 -4.06
O4 BGC C . 12.33 -3.56 -1.63
O5 BGC C . 9.73 -1.31 -0.44
O6 BGC C . 12.07 -3.63 1.13
C2 BGC C . 13.97 -1.97 -4.08
C3 BGC C . 15.10 -1.32 -4.89
C4 BGC C . 14.57 -0.73 -6.19
C5 BGC C . 13.46 0.23 -5.81
C6 BGC C . 13.00 1.09 -6.99
C1 BGC C . 12.60 -1.23 -4.11
O2 BGC C . 14.43 -2.12 -2.75
O3 BGC C . 16.15 -2.25 -5.09
O4 BGC C . 15.58 -0.06 -6.91
O5 BGC C . 12.38 -0.51 -5.31
O6 BGC C . 12.62 0.26 -8.05
C2 BGC C . 16.69 0.19 -9.03
C3 BGC C . 17.42 -0.48 -10.20
C4 BGC C . 18.03 -1.82 -9.83
C5 BGC C . 17.07 -2.67 -8.99
C6 BGC C . 17.70 -4.00 -8.57
C1 BGC C . 15.94 -0.77 -8.11
O2 BGC C . 15.79 1.16 -9.54
O3 BGC C . 18.44 0.38 -10.67
O4 BGC C . 18.38 -2.53 -10.99
O5 BGC C . 16.70 -1.93 -7.83
O6 BGC C . 16.77 -4.82 -7.90
S SO4 D . -22.72 28.58 17.54
O1 SO4 D . -24.03 28.08 17.96
O2 SO4 D . -22.02 27.58 16.73
O3 SO4 D . -21.93 28.87 18.74
O4 SO4 D . -22.88 29.78 16.73
C ACY E . -21.66 16.97 -6.34
O ACY E . -22.44 17.80 -6.84
OXT ACY E . -21.65 16.74 -5.11
CH3 ACY E . -20.71 16.21 -7.23
C ACY F . -35.74 25.59 7.98
O ACY F . -35.70 24.95 6.91
OXT ACY F . -35.58 26.82 8.09
CH3 ACY F . -36.00 24.82 9.25
C ACY G . 28.23 -25.47 -23.47
O ACY G . 27.09 -25.05 -23.81
OXT ACY G . 29.14 -24.73 -23.04
CH3 ACY G . 28.51 -26.93 -23.57
C ACY H . 11.23 -21.21 -19.19
O ACY H . 11.50 -22.28 -19.79
OXT ACY H . 10.79 -20.18 -19.77
CH3 ACY H . 11.44 -21.17 -17.70
#